data_8IG1
#
_entry.id   8IG1
#
_cell.length_a   42.710
_cell.length_b   84.825
_cell.length_c   64.326
_cell.angle_alpha   90.00
_cell.angle_beta   90.00
_cell.angle_gamma   90.00
#
_symmetry.space_group_name_H-M   'P 21 21 2'
#
loop_
_entity.id
_entity.type
_entity.pdbx_description
1 polymer Transthyretin
2 non-polymer ~{N}-[3-chloranyl-4-(4-chloranylphenoxy)phenyl]-3,5-bis(iodanyl)-2-oxidanyl-benzamide
3 non-polymer 'SODIUM ION'
4 water water
#
_entity_poly.entity_id   1
_entity_poly.type   'polypeptide(L)'
_entity_poly.pdbx_seq_one_letter_code
;MRGSHHHHHHGSMASHRLLLLCLAGLVFVSEAGPTGTGESKCPLMVKVLDAVRGSPAINVAVHVFRKAADDTWEPFASGK
TSESGELHGLTTEEEFVEGIYKVEIDTKSYWKALGISPFHEHAEVVFTANDSGPRRYTIAALLSPYSYSTTAVVTNPKE
;
_entity_poly.pdbx_strand_id   A,B
#
# COMPACT_ATOMS: atom_id res chain seq x y z
N CYS A 42 13.98 -19.49 -5.97
CA CYS A 42 13.58 -18.20 -5.40
C CYS A 42 12.47 -17.54 -6.24
N PRO A 43 11.22 -18.01 -6.11
CA PRO A 43 10.14 -17.41 -6.91
C PRO A 43 9.55 -16.12 -6.33
N LEU A 44 10.01 -15.65 -5.17
CA LEU A 44 9.53 -14.40 -4.60
C LEU A 44 10.71 -13.66 -3.98
N MET A 45 11.04 -12.50 -4.52
CA MET A 45 12.13 -11.67 -4.01
C MET A 45 11.59 -10.26 -3.77
N VAL A 46 12.11 -9.61 -2.73
CA VAL A 46 11.70 -8.25 -2.37
C VAL A 46 12.94 -7.38 -2.32
N LYS A 47 12.87 -6.20 -2.95
CA LYS A 47 13.95 -5.22 -2.89
C LYS A 47 13.40 -3.89 -2.41
N VAL A 48 14.12 -3.23 -1.50
CA VAL A 48 13.65 -1.99 -0.88
C VAL A 48 14.75 -0.94 -0.97
N LEU A 49 14.39 0.25 -1.45
CA LEU A 49 15.32 1.36 -1.62
C LEU A 49 14.86 2.58 -0.83
N ASP A 50 15.85 3.38 -0.40
CA ASP A 50 15.62 4.58 0.41
C ASP A 50 15.84 5.80 -0.50
N ALA A 51 14.75 6.53 -0.78
CA ALA A 51 14.80 7.69 -1.66
C ALA A 51 15.31 8.96 -0.98
N VAL A 52 15.46 8.95 0.35
CA VAL A 52 16.01 10.10 1.06
C VAL A 52 17.53 10.04 1.05
N ARG A 53 18.09 8.86 1.26
CA ARG A 53 19.52 8.70 1.38
C ARG A 53 20.19 8.22 0.11
N GLY A 54 19.43 7.76 -0.88
CA GLY A 54 20.03 7.19 -2.09
C GLY A 54 20.80 5.92 -1.80
N SER A 55 20.15 4.97 -1.12
CA SER A 55 20.82 3.77 -0.66
C SER A 55 19.81 2.64 -0.65
N PRO A 56 20.26 1.39 -0.63
CA PRO A 56 19.36 0.31 -0.26
C PRO A 56 18.81 0.59 1.14
N ALA A 57 17.59 0.11 1.37
CA ALA A 57 16.99 0.13 2.71
C ALA A 57 17.35 -1.18 3.39
N ILE A 58 18.27 -1.12 4.35
CA ILE A 58 18.87 -2.31 4.96
C ILE A 58 18.13 -2.65 6.24
N ASN A 59 18.00 -3.96 6.52
CA ASN A 59 17.41 -4.45 7.77
C ASN A 59 15.94 -4.08 7.89
N VAL A 60 15.23 -4.05 6.77
CA VAL A 60 13.80 -3.79 6.77
C VAL A 60 13.06 -5.11 6.92
N ALA A 61 12.16 -5.19 7.90
CA ALA A 61 11.37 -6.41 8.10
C ALA A 61 10.29 -6.53 7.05
N VAL A 62 10.11 -7.74 6.54
CA VAL A 62 9.13 -8.05 5.49
C VAL A 62 8.37 -9.29 5.93
N HIS A 63 7.05 -9.20 5.96
CA HIS A 63 6.18 -10.31 6.32
C HIS A 63 5.28 -10.65 5.15
N VAL A 64 5.21 -11.93 4.81
CA VAL A 64 4.39 -12.41 3.70
C VAL A 64 3.28 -13.25 4.28
N PHE A 65 2.06 -13.04 3.78
CA PHE A 65 0.89 -13.78 4.21
C PHE A 65 0.18 -14.33 2.97
N ARG A 66 -0.57 -15.40 3.17
CA ARG A 66 -1.36 -16.02 2.10
C ARG A 66 -2.80 -16.15 2.58
N LYS A 67 -3.75 -15.79 1.74
CA LYS A 67 -5.15 -15.86 2.15
C LYS A 67 -5.59 -17.32 2.28
N ALA A 68 -6.12 -17.67 3.44
CA ALA A 68 -6.56 -19.02 3.73
C ALA A 68 -7.98 -19.27 3.22
N ALA A 69 -8.41 -20.53 3.32
CA ALA A 69 -9.74 -20.92 2.86
C ALA A 69 -10.84 -20.15 3.58
N ASP A 70 -10.60 -19.70 4.80
CA ASP A 70 -11.58 -18.95 5.57
C ASP A 70 -11.44 -17.44 5.41
N ASP A 71 -10.67 -16.99 4.42
CA ASP A 71 -10.45 -15.57 4.11
C ASP A 71 -9.53 -14.84 5.09
N THR A 72 -8.89 -15.55 6.01
CA THR A 72 -7.94 -14.88 6.89
C THR A 72 -6.55 -14.92 6.27
N TRP A 73 -5.67 -14.05 6.78
CA TRP A 73 -4.29 -13.96 6.31
C TRP A 73 -3.43 -14.93 7.12
N GLU A 74 -3.02 -16.00 6.50
CA GLU A 74 -2.15 -16.97 7.17
C GLU A 74 -0.70 -16.55 7.02
N PRO A 75 0.09 -16.56 8.09
CA PRO A 75 1.53 -16.28 7.92
C PRO A 75 2.16 -17.28 6.96
N PHE A 76 2.97 -16.75 6.04
CA PHE A 76 3.56 -17.55 4.98
C PHE A 76 5.09 -17.58 5.07
N ALA A 77 5.73 -16.41 5.18
CA ALA A 77 7.17 -16.33 5.29
C ALA A 77 7.52 -14.93 5.79
N SER A 78 8.73 -14.78 6.32
CA SER A 78 9.20 -13.45 6.69
C SER A 78 10.72 -13.42 6.64
N GLY A 79 11.27 -12.20 6.63
CA GLY A 79 12.71 -12.03 6.62
C GLY A 79 13.05 -10.56 6.71
N LYS A 80 14.33 -10.23 6.56
CA LYS A 80 14.72 -8.84 6.52
C LYS A 80 15.67 -8.58 5.36
N THR A 81 15.60 -7.37 4.83
CA THR A 81 16.47 -7.02 3.72
C THR A 81 17.93 -7.00 4.16
N SER A 82 18.79 -7.39 3.23
CA SER A 82 20.23 -7.46 3.45
C SER A 82 20.86 -6.08 3.25
N GLU A 83 22.19 -6.05 3.31
CA GLU A 83 22.94 -4.81 3.04
C GLU A 83 22.73 -4.30 1.62
N SER A 84 22.26 -5.14 0.71
CA SER A 84 21.95 -4.70 -0.64
C SER A 84 20.50 -4.27 -0.80
N GLY A 85 19.71 -4.30 0.28
CA GLY A 85 18.30 -3.97 0.19
C GLY A 85 17.44 -5.11 -0.31
N GLU A 86 18.00 -6.29 -0.48
CA GLU A 86 17.31 -7.42 -1.09
C GLU A 86 16.99 -8.47 -0.04
N LEU A 87 15.86 -9.14 -0.23
CA LEU A 87 15.44 -10.24 0.62
C LEU A 87 15.22 -11.45 -0.27
N HIS A 88 16.12 -12.41 -0.17
CA HIS A 88 16.07 -13.66 -0.92
C HIS A 88 15.71 -14.80 0.01
N GLY A 89 15.29 -15.91 -0.59
CA GLY A 89 15.07 -17.13 0.17
C GLY A 89 13.77 -17.21 0.93
N LEU A 90 12.80 -16.33 0.65
CA LEU A 90 11.55 -16.36 1.38
C LEU A 90 10.83 -17.69 1.23
N THR A 91 10.87 -18.28 0.04
CA THR A 91 10.04 -19.45 -0.25
C THR A 91 10.69 -20.30 -1.33
N THR A 92 9.99 -21.35 -1.71
CA THR A 92 10.45 -22.30 -2.71
C THR A 92 9.36 -22.49 -3.75
N GLU A 93 9.74 -23.08 -4.89
CA GLU A 93 8.76 -23.39 -5.93
C GLU A 93 7.67 -24.31 -5.41
N GLU A 94 8.02 -25.25 -4.52
CA GLU A 94 7.03 -26.19 -4.02
C GLU A 94 6.05 -25.52 -3.06
N GLU A 95 6.55 -24.62 -2.21
CA GLU A 95 5.73 -23.98 -1.19
C GLU A 95 4.85 -22.86 -1.77
N PHE A 96 5.31 -22.20 -2.83
CA PHE A 96 4.68 -20.98 -3.34
C PHE A 96 3.61 -21.34 -4.37
N VAL A 97 2.50 -21.86 -3.84
CA VAL A 97 1.38 -22.32 -4.66
C VAL A 97 0.52 -21.14 -5.11
N GLU A 98 -0.48 -21.42 -5.97
CA GLU A 98 -1.49 -20.41 -6.27
C GLU A 98 -2.05 -19.83 -4.99
N GLY A 99 -2.39 -18.54 -5.03
CA GLY A 99 -3.06 -17.93 -3.89
C GLY A 99 -3.04 -16.43 -4.02
N ILE A 100 -3.68 -15.79 -3.06
CA ILE A 100 -3.59 -14.34 -2.90
C ILE A 100 -2.59 -14.08 -1.79
N TYR A 101 -1.55 -13.31 -2.09
CA TYR A 101 -0.47 -13.06 -1.15
C TYR A 101 -0.44 -11.59 -0.78
N LYS A 102 -0.04 -11.33 0.46
CA LYS A 102 0.18 -9.99 0.95
C LYS A 102 1.62 -9.89 1.43
N VAL A 103 2.35 -8.90 0.92
CA VAL A 103 3.70 -8.60 1.37
C VAL A 103 3.63 -7.29 2.14
N GLU A 104 3.92 -7.35 3.44
CA GLU A 104 3.92 -6.18 4.30
C GLU A 104 5.34 -5.80 4.66
N ILE A 105 5.75 -4.59 4.29
CA ILE A 105 7.10 -4.11 4.51
C ILE A 105 7.03 -3.12 5.67
N ASP A 106 7.83 -3.34 6.71
CA ASP A 106 7.73 -2.53 7.92
C ASP A 106 8.52 -1.24 7.75
N THR A 107 7.93 -0.33 6.99
CA THR A 107 8.59 0.95 6.72
C THR A 107 8.59 1.85 7.95
N LYS A 108 7.59 1.73 8.82
CA LYS A 108 7.55 2.60 9.99
C LYS A 108 8.77 2.39 10.89
N SER A 109 9.11 1.13 11.19
CA SER A 109 10.28 0.87 12.03
C SER A 109 11.56 1.35 11.37
N TYR A 110 11.63 1.22 10.04
CA TYR A 110 12.81 1.67 9.31
C TYR A 110 13.04 3.17 9.49
N TRP A 111 11.99 3.96 9.28
CA TRP A 111 12.13 5.41 9.40
C TRP A 111 12.37 5.83 10.84
N LYS A 112 11.68 5.19 11.79
CA LYS A 112 11.85 5.58 13.19
C LYS A 112 13.28 5.37 13.66
N ALA A 113 13.93 4.29 13.18
CA ALA A 113 15.32 4.05 13.57
C ALA A 113 16.25 5.12 13.02
N LEU A 114 15.86 5.78 11.92
CA LEU A 114 16.61 6.87 11.35
C LEU A 114 16.25 8.22 11.98
N GLY A 115 15.44 8.21 13.03
CA GLY A 115 15.01 9.45 13.66
C GLY A 115 13.89 10.17 12.96
N ILE A 116 13.19 9.51 12.03
CA ILE A 116 12.15 10.14 11.23
C ILE A 116 10.81 9.55 11.65
N SER A 117 9.82 10.42 11.82
CA SER A 117 8.44 10.01 12.07
C SER A 117 7.69 9.96 10.74
N PRO A 118 7.43 8.77 10.19
CA PRO A 118 6.88 8.69 8.84
C PRO A 118 5.36 8.63 8.87
N PHE A 119 4.78 8.71 7.68
CA PHE A 119 3.32 8.75 7.55
C PHE A 119 2.70 7.36 7.64
N HIS A 120 3.20 6.40 6.86
CA HIS A 120 2.53 5.11 6.74
C HIS A 120 2.92 4.15 7.86
N GLU A 121 1.98 3.27 8.20
CA GLU A 121 2.30 2.18 9.11
C GLU A 121 3.20 1.15 8.46
N HIS A 122 3.01 0.91 7.17
CA HIS A 122 3.80 -0.06 6.44
C HIS A 122 3.51 0.17 4.97
N ALA A 123 4.23 -0.52 4.12
CA ALA A 123 3.93 -0.56 2.70
C ALA A 123 3.48 -1.98 2.42
N GLU A 124 2.29 -2.15 1.85
CA GLU A 124 1.75 -3.47 1.59
C GLU A 124 1.47 -3.65 0.09
N VAL A 125 1.68 -4.88 -0.37
CA VAL A 125 1.43 -5.28 -1.75
C VAL A 125 0.58 -6.55 -1.69
N VAL A 126 -0.60 -6.52 -2.30
CA VAL A 126 -1.51 -7.67 -2.32
C VAL A 126 -1.74 -8.08 -3.77
N PHE A 127 -1.53 -9.35 -4.07
CA PHE A 127 -1.59 -9.80 -5.46
C PHE A 127 -1.93 -11.28 -5.53
N THR A 128 -2.60 -11.66 -6.61
CA THR A 128 -2.79 -13.07 -6.92
C THR A 128 -1.54 -13.62 -7.61
N ALA A 129 -1.06 -14.76 -7.16
CA ALA A 129 0.15 -15.36 -7.68
C ALA A 129 -0.13 -16.71 -8.32
N ASN A 130 0.56 -17.00 -9.43
CA ASN A 130 0.63 -18.31 -10.05
C ASN A 130 -0.69 -18.75 -10.68
N ASP A 131 -1.56 -17.79 -11.02
CA ASP A 131 -2.89 -18.13 -11.54
C ASP A 131 -2.81 -18.87 -12.89
N SER A 132 -1.82 -18.53 -13.73
CA SER A 132 -1.62 -19.18 -15.02
C SER A 132 -0.39 -20.08 -15.00
N GLY A 133 -0.03 -20.59 -13.83
CA GLY A 133 1.16 -21.40 -13.69
C GLY A 133 2.24 -20.67 -12.91
N PRO A 134 3.31 -21.39 -12.55
CA PRO A 134 4.34 -20.78 -11.71
C PRO A 134 5.03 -19.62 -12.40
N ARG A 135 5.22 -18.54 -11.63
CA ARG A 135 5.98 -17.40 -12.09
C ARG A 135 6.97 -17.00 -11.01
N ARG A 136 7.96 -16.20 -11.40
CA ARG A 136 8.86 -15.57 -10.45
C ARG A 136 8.47 -14.11 -10.29
N TYR A 137 8.41 -13.65 -9.04
CA TYR A 137 7.93 -12.33 -8.70
C TYR A 137 9.04 -11.58 -7.98
N THR A 138 9.38 -10.38 -8.49
CA THR A 138 10.21 -9.44 -7.75
C THR A 138 9.36 -8.24 -7.41
N ILE A 139 9.26 -7.94 -6.12
CA ILE A 139 8.54 -6.77 -5.62
C ILE A 139 9.57 -5.75 -5.17
N ALA A 140 9.56 -4.57 -5.77
CA ALA A 140 10.45 -3.50 -5.35
C ALA A 140 9.62 -2.40 -4.73
N ALA A 141 10.16 -1.80 -3.67
CA ALA A 141 9.52 -0.67 -3.00
C ALA A 141 10.54 0.45 -2.85
N LEU A 142 10.11 1.67 -3.18
CA LEU A 142 10.93 2.86 -3.01
C LEU A 142 10.30 3.71 -1.90
N LEU A 143 11.07 4.01 -0.86
CA LEU A 143 10.53 4.60 0.37
C LEU A 143 10.97 6.05 0.56
N SER A 144 9.99 6.89 0.89
CA SER A 144 10.18 8.23 1.44
C SER A 144 9.30 8.34 2.66
N PRO A 145 9.55 9.31 3.54
CA PRO A 145 8.77 9.38 4.78
C PRO A 145 7.27 9.52 4.56
N TYR A 146 6.83 10.25 3.53
CA TYR A 146 5.41 10.46 3.27
C TYR A 146 4.95 9.84 1.96
N SER A 147 5.74 8.95 1.38
CA SER A 147 5.37 8.38 0.10
C SER A 147 6.07 7.04 -0.09
N TYR A 148 5.41 6.13 -0.78
CA TYR A 148 6.12 4.97 -1.28
C TYR A 148 5.58 4.58 -2.64
N SER A 149 6.43 3.93 -3.41
CA SER A 149 6.06 3.39 -4.71
CA SER A 149 6.02 3.38 -4.69
C SER A 149 6.41 1.92 -4.70
N THR A 150 5.59 1.11 -5.35
CA THR A 150 5.92 -0.28 -5.45
C THR A 150 5.67 -0.75 -6.87
N THR A 151 6.50 -1.66 -7.32
CA THR A 151 6.37 -2.22 -8.65
CA THR A 151 6.37 -2.22 -8.65
C THR A 151 6.68 -3.71 -8.58
N ALA A 152 6.12 -4.45 -9.52
CA ALA A 152 6.38 -5.88 -9.62
C ALA A 152 6.94 -6.19 -10.99
N VAL A 153 7.93 -7.07 -11.04
CA VAL A 153 8.36 -7.72 -12.27
C VAL A 153 7.99 -9.19 -12.16
N VAL A 154 7.25 -9.68 -13.15
CA VAL A 154 6.79 -11.05 -13.19
C VAL A 154 7.44 -11.72 -14.39
N THR A 155 8.15 -12.82 -14.14
CA THR A 155 8.82 -13.53 -15.21
C THR A 155 8.39 -14.99 -15.23
N ASN A 156 8.40 -15.59 -16.40
CA ASN A 156 8.03 -16.99 -16.55
C ASN A 156 9.30 -17.81 -16.67
N PRO A 157 9.60 -18.69 -15.70
CA PRO A 157 10.82 -19.51 -15.74
C PRO A 157 10.79 -20.54 -16.86
N CYS B 42 -13.50 18.95 5.17
CA CYS B 42 -12.94 17.84 4.41
C CYS B 42 -11.56 17.46 4.95
N PRO B 43 -11.52 16.79 6.11
CA PRO B 43 -10.22 16.40 6.68
C PRO B 43 -9.53 15.25 5.97
N LEU B 44 -10.21 14.53 5.08
CA LEU B 44 -9.61 13.39 4.37
C LEU B 44 -10.11 13.42 2.93
N MET B 45 -9.17 13.54 2.00
CA MET B 45 -9.47 13.56 0.58
C MET B 45 -8.56 12.55 -0.11
N VAL B 46 -9.09 11.89 -1.14
CA VAL B 46 -8.34 10.91 -1.90
C VAL B 46 -8.36 11.32 -3.37
N LYS B 47 -7.20 11.29 -4.02
CA LYS B 47 -7.11 11.59 -5.44
C LYS B 47 -6.38 10.46 -6.14
N VAL B 48 -6.89 10.02 -7.29
CA VAL B 48 -6.34 8.87 -8.00
C VAL B 48 -6.09 9.27 -9.45
N LEU B 49 -4.87 8.98 -9.94
CA LEU B 49 -4.46 9.31 -11.29
C LEU B 49 -4.05 8.04 -12.04
N ASP B 50 -4.20 8.09 -13.36
CA ASP B 50 -3.93 6.96 -14.25
C ASP B 50 -2.68 7.31 -15.06
N ALA B 51 -1.59 6.61 -14.80
CA ALA B 51 -0.30 6.84 -15.46
C ALA B 51 -0.21 6.25 -16.87
N VAL B 52 -1.16 5.41 -17.26
CA VAL B 52 -1.17 4.83 -18.60
C VAL B 52 -1.83 5.75 -19.61
N ARG B 53 -2.93 6.36 -19.20
CA ARG B 53 -3.69 7.23 -20.08
C ARG B 53 -3.45 8.71 -19.83
N GLY B 54 -2.79 9.07 -18.72
CA GLY B 54 -2.54 10.46 -18.42
C GLY B 54 -3.82 11.20 -18.09
N SER B 55 -4.60 10.65 -17.17
CA SER B 55 -5.92 11.17 -16.89
C SER B 55 -6.22 10.93 -15.42
N PRO B 56 -7.18 11.64 -14.86
CA PRO B 56 -7.73 11.21 -13.57
C PRO B 56 -8.25 9.79 -13.71
N ALA B 57 -8.22 9.04 -12.60
CA ALA B 57 -8.83 7.72 -12.56
C ALA B 57 -10.25 7.89 -12.02
N ILE B 58 -11.24 7.72 -12.90
CA ILE B 58 -12.63 8.06 -12.62
C ILE B 58 -13.38 6.80 -12.21
N ASN B 59 -14.32 6.95 -11.27
CA ASN B 59 -15.19 5.86 -10.84
C ASN B 59 -14.42 4.73 -10.14
N VAL B 60 -13.33 5.06 -9.48
CA VAL B 60 -12.57 4.10 -8.70
C VAL B 60 -13.21 4.00 -7.32
N ALA B 61 -13.57 2.79 -6.91
CA ALA B 61 -14.13 2.58 -5.57
C ALA B 61 -13.04 2.69 -4.52
N VAL B 62 -13.36 3.39 -3.43
CA VAL B 62 -12.45 3.62 -2.32
C VAL B 62 -13.20 3.32 -1.03
N HIS B 63 -12.63 2.49 -0.18
CA HIS B 63 -13.18 2.21 1.12
C HIS B 63 -12.17 2.59 2.20
N VAL B 64 -12.65 3.26 3.23
CA VAL B 64 -11.82 3.65 4.37
C VAL B 64 -12.25 2.84 5.57
N PHE B 65 -11.27 2.34 6.32
CA PHE B 65 -11.51 1.56 7.52
C PHE B 65 -10.71 2.18 8.66
N ARG B 66 -11.18 1.98 9.88
CA ARG B 66 -10.46 2.41 11.07
C ARG B 66 -10.20 1.19 11.94
N LYS B 67 -8.99 1.10 12.47
CA LYS B 67 -8.65 -0.06 13.30
C LYS B 67 -9.37 0.01 14.63
N ALA B 68 -10.06 -1.07 14.99
CA ALA B 68 -10.83 -1.15 16.22
C ALA B 68 -10.01 -1.80 17.32
N ALA B 69 -10.58 -1.86 18.53
CA ALA B 69 -9.86 -2.34 19.70
C ALA B 69 -9.43 -3.80 19.56
N ASP B 70 -10.21 -4.60 18.84
CA ASP B 70 -9.87 -6.00 18.62
C ASP B 70 -8.95 -6.21 17.42
N ASP B 71 -8.31 -5.14 16.94
CA ASP B 71 -7.41 -5.18 15.79
C ASP B 71 -8.09 -5.62 14.50
N THR B 72 -9.41 -5.44 14.41
CA THR B 72 -10.12 -5.64 13.16
C THR B 72 -10.37 -4.30 12.47
N TRP B 73 -10.50 -4.36 11.15
CA TRP B 73 -10.74 -3.16 10.35
C TRP B 73 -12.24 -2.92 10.27
N GLU B 74 -12.69 -1.81 10.86
CA GLU B 74 -14.12 -1.59 10.71
C GLU B 74 -14.41 -0.50 9.69
N PRO B 75 -15.44 -0.70 8.87
CA PRO B 75 -15.82 0.31 7.88
C PRO B 75 -15.98 1.70 8.49
N PHE B 76 -15.44 2.69 7.80
CA PHE B 76 -15.46 4.07 8.27
C PHE B 76 -16.06 5.05 7.27
N ALA B 77 -15.71 4.92 5.98
CA ALA B 77 -16.25 5.78 4.93
C ALA B 77 -15.99 5.09 3.61
N SER B 78 -16.73 5.51 2.58
CA SER B 78 -16.68 4.87 1.27
C SER B 78 -17.05 5.89 0.22
N GLY B 79 -16.63 5.63 -1.02
CA GLY B 79 -17.10 6.44 -2.14
C GLY B 79 -16.43 6.02 -3.42
N LYS B 80 -16.70 6.76 -4.50
CA LYS B 80 -16.00 6.55 -5.76
C LYS B 80 -15.47 7.87 -6.29
N THR B 81 -14.31 7.81 -6.95
CA THR B 81 -13.71 9.04 -7.45
C THR B 81 -14.59 9.68 -8.52
N SER B 82 -14.55 11.02 -8.55
CA SER B 82 -15.32 11.81 -9.49
C SER B 82 -14.60 11.86 -10.85
N GLU B 83 -15.15 12.65 -11.76
CA GLU B 83 -14.53 12.85 -13.07
C GLU B 83 -13.17 13.54 -12.97
N SER B 84 -12.86 14.16 -11.84
CA SER B 84 -11.54 14.74 -11.63
C SER B 84 -10.60 13.80 -10.90
N GLY B 85 -11.03 12.56 -10.66
CA GLY B 85 -10.22 11.61 -9.92
C GLY B 85 -10.22 11.83 -8.43
N GLU B 86 -11.09 12.70 -7.91
CA GLU B 86 -11.08 13.08 -6.51
C GLU B 86 -12.29 12.51 -5.78
N LEU B 87 -12.11 12.22 -4.50
CA LEU B 87 -13.20 11.76 -3.64
C LEU B 87 -13.19 12.67 -2.43
N HIS B 88 -14.19 13.53 -2.34
CA HIS B 88 -14.37 14.48 -1.26
C HIS B 88 -15.54 14.05 -0.38
N GLY B 89 -15.67 14.69 0.77
CA GLY B 89 -16.78 14.44 1.66
C GLY B 89 -16.81 13.09 2.33
N LEU B 90 -15.64 12.46 2.51
CA LEU B 90 -15.59 11.14 3.15
C LEU B 90 -15.95 11.22 4.63
N THR B 91 -15.50 12.25 5.33
CA THR B 91 -15.71 12.32 6.76
C THR B 91 -15.81 13.77 7.20
N THR B 92 -16.00 13.97 8.50
CA THR B 92 -16.03 15.30 9.10
C THR B 92 -14.96 15.37 10.17
N GLU B 93 -14.64 16.60 10.57
CA GLU B 93 -13.62 16.79 11.60
C GLU B 93 -14.04 16.10 12.90
N GLU B 94 -15.32 16.16 13.24
CA GLU B 94 -15.80 15.56 14.48
C GLU B 94 -15.66 14.04 14.45
N GLU B 95 -15.86 13.42 13.28
CA GLU B 95 -15.82 11.96 13.20
C GLU B 95 -14.41 11.42 13.08
N PHE B 96 -13.50 12.22 12.53
CA PHE B 96 -12.16 11.73 12.14
C PHE B 96 -11.22 11.92 13.33
N VAL B 97 -11.19 10.95 14.22
CA VAL B 97 -10.42 11.03 15.44
C VAL B 97 -9.09 10.31 15.24
N GLU B 98 -8.20 10.44 16.23
CA GLU B 98 -6.98 9.65 16.27
C GLU B 98 -7.28 8.19 16.01
N GLY B 99 -6.42 7.55 15.23
CA GLY B 99 -6.57 6.14 14.97
C GLY B 99 -5.68 5.73 13.83
N ILE B 100 -5.67 4.44 13.60
CA ILE B 100 -5.02 3.88 12.42
C ILE B 100 -6.10 3.66 11.38
N TYR B 101 -5.88 4.20 10.19
CA TYR B 101 -6.83 4.17 9.10
C TYR B 101 -6.23 3.43 7.92
N LYS B 102 -7.10 2.74 7.18
CA LYS B 102 -6.72 2.06 5.95
C LYS B 102 -7.60 2.60 4.84
N VAL B 103 -6.97 3.09 3.78
CA VAL B 103 -7.65 3.50 2.57
C VAL B 103 -7.38 2.43 1.52
N GLU B 104 -8.44 1.76 1.09
CA GLU B 104 -8.32 0.66 0.12
C GLU B 104 -8.92 1.12 -1.20
N ILE B 105 -8.10 1.13 -2.24
CA ILE B 105 -8.49 1.64 -3.55
C ILE B 105 -8.62 0.43 -4.46
N ASP B 106 -9.81 0.26 -5.07
CA ASP B 106 -10.04 -0.92 -5.90
C ASP B 106 -9.42 -0.72 -7.28
N THR B 107 -8.10 -0.85 -7.34
CA THR B 107 -7.38 -0.67 -8.59
C THR B 107 -7.66 -1.80 -9.58
N LYS B 108 -7.89 -3.02 -9.08
CA LYS B 108 -8.09 -4.15 -9.99
C LYS B 108 -9.33 -3.94 -10.85
N SER B 109 -10.44 -3.51 -10.24
CA SER B 109 -11.66 -3.27 -11.00
C SER B 109 -11.47 -2.15 -12.01
N TYR B 110 -10.67 -1.14 -11.65
CA TYR B 110 -10.40 -0.03 -12.56
C TYR B 110 -9.71 -0.52 -13.82
N TRP B 111 -8.63 -1.30 -13.65
CA TRP B 111 -7.92 -1.82 -14.82
C TRP B 111 -8.76 -2.80 -15.62
N LYS B 112 -9.54 -3.66 -14.93
CA LYS B 112 -10.37 -4.61 -15.66
C LYS B 112 -11.38 -3.89 -16.54
N ALA B 113 -11.94 -2.78 -16.05
CA ALA B 113 -12.91 -2.03 -16.86
C ALA B 113 -12.27 -1.48 -18.13
N LEU B 114 -10.96 -1.24 -18.11
CA LEU B 114 -10.24 -0.79 -19.28
C LEU B 114 -9.69 -1.93 -20.11
N GLY B 115 -9.97 -3.18 -19.74
CA GLY B 115 -9.46 -4.33 -20.47
C GLY B 115 -7.98 -4.58 -20.29
N ILE B 116 -7.42 -4.16 -19.15
CA ILE B 116 -5.99 -4.25 -18.88
C ILE B 116 -5.80 -5.18 -17.70
N SER B 117 -4.86 -6.11 -17.83
CA SER B 117 -4.61 -7.07 -16.76
C SER B 117 -3.72 -6.43 -15.70
N PRO B 118 -4.18 -6.26 -14.48
CA PRO B 118 -3.34 -5.66 -13.44
C PRO B 118 -2.65 -6.68 -12.55
N PHE B 119 -1.65 -6.21 -11.81
CA PHE B 119 -0.92 -7.04 -10.87
C PHE B 119 -1.59 -7.08 -9.49
N HIS B 120 -1.91 -5.92 -8.93
CA HIS B 120 -2.38 -5.84 -7.56
C HIS B 120 -3.88 -6.13 -7.45
N GLU B 121 -4.26 -6.70 -6.30
CA GLU B 121 -5.68 -6.82 -5.99
C GLU B 121 -6.31 -5.46 -5.69
N HIS B 122 -5.56 -4.57 -5.07
CA HIS B 122 -6.00 -3.23 -4.74
C HIS B 122 -4.75 -2.49 -4.30
N ALA B 123 -4.92 -1.20 -4.00
CA ALA B 123 -3.87 -0.41 -3.38
C ALA B 123 -4.36 -0.01 -2.01
N GLU B 124 -3.62 -0.39 -0.98
CA GLU B 124 -3.95 -0.06 0.40
C GLU B 124 -2.97 1.00 0.90
N VAL B 125 -3.48 1.94 1.69
CA VAL B 125 -2.68 2.97 2.32
C VAL B 125 -3.06 2.97 3.79
N VAL B 126 -2.12 2.60 4.67
CA VAL B 126 -2.39 2.46 6.09
C VAL B 126 -1.54 3.48 6.85
N PHE B 127 -2.19 4.28 7.70
CA PHE B 127 -1.50 5.39 8.35
C PHE B 127 -2.19 5.72 9.67
N THR B 128 -1.44 6.35 10.57
CA THR B 128 -2.02 6.91 11.78
C THR B 128 -2.37 8.36 11.54
N ALA B 129 -3.59 8.72 11.92
N ALA B 129 -3.55 8.78 12.00
CA ALA B 129 -4.13 10.06 11.73
CA ALA B 129 -3.89 10.20 12.02
C ALA B 129 -4.61 10.60 13.08
C ALA B 129 -3.41 10.84 13.31
N ASN B 130 -4.55 11.92 13.20
N ASN B 130 -2.75 12.00 13.22
CA ASN B 130 -5.13 12.66 14.33
CA ASN B 130 -2.12 12.65 14.35
C ASN B 130 -4.57 12.21 15.68
C ASN B 130 -2.63 14.08 14.49
N ASP B 131 -3.34 11.67 15.69
N ASP B 131 -2.99 14.48 15.71
CA ASP B 131 -2.70 11.29 16.94
CA ASP B 131 -3.47 15.83 15.98
C ASP B 131 -2.16 12.47 17.72
C ASP B 131 -2.26 16.70 16.31
N SER B 132 -2.14 13.66 17.12
N SER B 132 -1.84 17.52 15.35
CA SER B 132 -1.84 14.92 17.79
CA SER B 132 -0.70 18.41 15.49
C SER B 132 -2.96 15.91 17.55
C SER B 132 -1.06 19.82 14.99
N GLY B 133 -4.19 15.42 17.50
N GLY B 133 -2.21 20.32 15.45
CA GLY B 133 -5.34 16.24 17.22
CA GLY B 133 -2.79 21.50 14.87
C GLY B 133 -5.66 16.26 15.74
C GLY B 133 -3.79 21.11 13.81
N PRO B 134 -6.85 16.79 15.38
N PRO B 134 -4.43 22.09 13.17
CA PRO B 134 -7.23 16.87 13.97
CA PRO B 134 -5.45 21.77 12.17
C PRO B 134 -6.17 17.40 13.03
C PRO B 134 -4.81 21.04 11.00
N ARG B 135 -6.11 16.81 11.84
N ARG B 135 -5.37 19.89 10.65
CA ARG B 135 -5.30 17.32 10.72
CA ARG B 135 -4.75 18.99 9.69
C ARG B 135 -6.08 17.11 9.43
C ARG B 135 -5.77 18.52 8.66
N ARG B 136 -5.61 17.76 8.37
N ARG B 136 -5.36 18.56 7.39
CA ARG B 136 -6.14 17.59 7.02
CA ARG B 136 -6.14 18.03 6.28
C ARG B 136 -5.19 16.73 6.21
C ARG B 136 -5.27 16.99 5.59
N TYR B 137 -5.74 15.75 5.51
CA TYR B 137 -4.98 14.69 4.85
C TYR B 137 -5.46 14.53 3.41
N THR B 138 -4.53 14.63 2.47
CA THR B 138 -4.80 14.24 1.10
C THR B 138 -3.93 13.03 0.78
N ILE B 139 -4.58 11.94 0.38
CA ILE B 139 -3.91 10.74 -0.07
C ILE B 139 -4.03 10.70 -1.59
N ALA B 140 -2.91 10.78 -2.28
CA ALA B 140 -2.88 10.67 -3.73
C ALA B 140 -2.28 9.32 -4.12
N ALA B 141 -2.84 8.73 -5.16
CA ALA B 141 -2.32 7.47 -5.71
C ALA B 141 -2.17 7.59 -7.21
N LEU B 142 -1.02 7.16 -7.72
CA LEU B 142 -0.72 7.15 -9.14
C LEU B 142 -0.67 5.69 -9.57
N LEU B 143 -1.53 5.30 -10.51
CA LEU B 143 -1.74 3.89 -10.84
C LEU B 143 -1.14 3.52 -12.19
N SER B 144 -0.41 2.42 -12.21
CA SER B 144 -0.02 1.70 -13.42
C SER B 144 -0.42 0.24 -13.22
N PRO B 145 -0.48 -0.55 -14.30
CA PRO B 145 -0.95 -1.93 -14.12
C PRO B 145 -0.09 -2.76 -13.18
N TYR B 146 1.23 -2.57 -13.17
CA TYR B 146 2.13 -3.34 -12.31
C TYR B 146 2.80 -2.49 -11.25
N SER B 147 2.30 -1.28 -11.02
CA SER B 147 2.96 -0.40 -10.08
C SER B 147 1.95 0.61 -9.54
N TYR B 148 2.14 1.01 -8.30
CA TYR B 148 1.46 2.20 -7.83
C TYR B 148 2.34 2.96 -6.87
N SER B 149 2.10 4.26 -6.83
CA SER B 149 2.76 5.18 -5.91
CA SER B 149 2.75 5.13 -5.88
CA SER B 149 2.75 5.16 -5.90
C SER B 149 1.68 5.87 -5.09
N THR B 150 1.98 6.11 -3.83
CA THR B 150 1.05 6.86 -3.00
C THR B 150 1.83 7.87 -2.17
N THR B 151 1.26 9.04 -2.01
CA THR B 151 1.87 10.10 -1.22
CA THR B 151 1.88 10.06 -1.17
C THR B 151 0.79 10.75 -0.38
N ALA B 152 1.18 11.29 0.76
CA ALA B 152 0.27 12.00 1.64
C ALA B 152 0.71 13.45 1.70
N VAL B 153 -0.23 14.36 1.56
CA VAL B 153 -0.01 15.76 1.90
C VAL B 153 -0.83 16.06 3.12
N VAL B 154 -0.15 16.42 4.21
CA VAL B 154 -0.76 16.75 5.48
C VAL B 154 -0.54 18.23 5.71
N THR B 155 -1.62 19.00 5.71
CA THR B 155 -1.51 20.45 5.84
C THR B 155 -2.03 20.94 7.19
#